data_2MJ2
#
_entry.id   2MJ2
#
_entity_poly.entity_id   1
_entity_poly.type   'polypeptide(L)'
_entity_poly.pdbx_seq_one_letter_code
;TWSGTKKRAQRILIFLLEFLLDFCTGEDSVDGKKRQ
;
_entity_poly.pdbx_strand_id   A
#
# COMPACT_ATOMS: atom_id res chain seq x y z
N THR A 1 -20.54 9.81 0.74
CA THR A 1 -20.43 9.75 -0.74
C THR A 1 -20.01 8.36 -1.20
N TRP A 2 -21.00 7.50 -1.41
CA TRP A 2 -20.76 6.14 -1.84
C TRP A 2 -20.70 6.08 -3.36
N SER A 3 -19.61 5.52 -3.87
CA SER A 3 -19.47 5.29 -5.29
C SER A 3 -19.01 3.86 -5.55
N GLY A 4 -19.75 3.15 -6.39
CA GLY A 4 -19.42 1.77 -6.68
C GLY A 4 -18.74 1.60 -8.01
N THR A 5 -18.28 2.71 -8.57
CA THR A 5 -17.60 2.70 -9.86
C THR A 5 -16.19 2.11 -9.71
N LYS A 6 -15.38 2.73 -8.86
CA LYS A 6 -14.01 2.28 -8.65
C LYS A 6 -13.85 1.59 -7.29
N LYS A 7 -14.90 0.90 -6.86
CA LYS A 7 -14.89 0.26 -5.55
C LYS A 7 -13.84 -0.84 -5.46
N ARG A 8 -13.57 -1.49 -6.59
CA ARG A 8 -12.56 -2.53 -6.64
C ARG A 8 -11.17 -1.90 -6.60
N ALA A 9 -11.04 -0.74 -7.24
CA ALA A 9 -9.78 -0.01 -7.26
C ALA A 9 -9.43 0.50 -5.87
N GLN A 10 -10.46 0.83 -5.08
CA GLN A 10 -10.26 1.29 -3.71
C GLN A 10 -9.61 0.20 -2.87
N ARG A 11 -9.93 -1.05 -3.19
CA ARG A 11 -9.33 -2.19 -2.52
C ARG A 11 -7.86 -2.33 -2.87
N ILE A 12 -7.56 -2.12 -4.15
CA ILE A 12 -6.18 -2.20 -4.63
C ILE A 12 -5.35 -1.06 -4.03
N LEU A 13 -6.01 0.07 -3.82
CA LEU A 13 -5.38 1.22 -3.21
C LEU A 13 -4.91 0.87 -1.80
N ILE A 14 -5.72 0.12 -1.07
CA ILE A 14 -5.36 -0.34 0.27
C ILE A 14 -4.06 -1.12 0.21
N PHE A 15 -3.96 -2.02 -0.76
CA PHE A 15 -2.78 -2.85 -0.93
C PHE A 15 -1.56 -2.01 -1.26
N LEU A 16 -1.71 -1.08 -2.19
CA LEU A 16 -0.61 -0.24 -2.62
C LEU A 16 -0.18 0.69 -1.49
N LEU A 17 -1.16 1.15 -0.71
CA LEU A 17 -0.90 2.01 0.43
C LEU A 17 -0.09 1.25 1.48
N GLU A 18 -0.57 0.06 1.84
CA GLU A 18 0.11 -0.79 2.80
C GLU A 18 1.54 -1.08 2.37
N PHE A 19 1.73 -1.33 1.07
CA PHE A 19 3.05 -1.58 0.52
C PHE A 19 3.95 -0.37 0.71
N LEU A 20 3.45 0.80 0.33
CA LEU A 20 4.21 2.05 0.46
C LEU A 20 4.65 2.29 1.89
N LEU A 21 3.71 2.14 2.82
CA LEU A 21 4.00 2.37 4.24
C LEU A 21 4.99 1.34 4.76
N ASP A 22 4.84 0.10 4.31
CA ASP A 22 5.72 -0.98 4.72
C ASP A 22 7.12 -0.77 4.15
N PHE A 23 7.19 -0.34 2.89
CA PHE A 23 8.46 -0.11 2.21
C PHE A 23 9.18 1.08 2.83
N CYS A 24 8.41 2.11 3.16
CA CYS A 24 8.95 3.32 3.74
C CYS A 24 8.71 3.35 5.25
N THR A 25 8.85 2.19 5.87
CA THR A 25 8.61 2.05 7.30
C THR A 25 9.73 2.68 8.12
N GLY A 26 10.88 2.86 7.48
CA GLY A 26 12.02 3.45 8.15
C GLY A 26 11.90 4.95 8.29
N GLU A 27 12.52 5.50 9.31
CA GLU A 27 12.48 6.94 9.57
C GLU A 27 13.40 7.68 8.62
N ASP A 28 14.37 6.96 8.08
CA ASP A 28 15.32 7.52 7.13
C ASP A 28 14.73 7.58 5.75
N SER A 29 13.64 6.83 5.55
CA SER A 29 12.88 6.83 4.31
C SER A 29 13.70 6.29 3.14
N VAL A 30 13.23 6.54 1.93
CA VAL A 30 13.90 6.11 0.73
C VAL A 30 13.81 7.21 -0.34
N ASP A 31 14.15 8.42 0.08
CA ASP A 31 14.07 9.59 -0.78
C ASP A 31 15.43 9.96 -1.34
N GLY A 32 16.43 9.16 -1.04
CA GLY A 32 17.76 9.38 -1.55
C GLY A 32 17.91 8.79 -2.94
N LYS A 33 17.21 9.40 -3.90
CA LYS A 33 17.15 8.91 -5.27
C LYS A 33 16.45 7.57 -5.32
N LYS A 34 15.11 7.61 -5.24
CA LYS A 34 14.30 6.40 -5.21
C LYS A 34 14.11 5.84 -6.62
N ARG A 35 14.85 6.39 -7.58
CA ARG A 35 14.87 5.91 -8.96
C ARG A 35 13.50 6.10 -9.61
N GLN A 36 12.82 7.15 -9.20
CA GLN A 36 11.53 7.49 -9.78
C GLN A 36 11.72 8.39 -10.99
N THR A 1 -25.16 0.22 -12.68
CA THR A 1 -23.86 0.23 -11.97
C THR A 1 -23.89 -0.76 -10.81
N TRP A 2 -22.76 -1.39 -10.57
CA TRP A 2 -22.66 -2.40 -9.53
C TRP A 2 -22.06 -1.81 -8.26
N SER A 3 -22.42 -2.37 -7.12
CA SER A 3 -21.96 -1.88 -5.84
C SER A 3 -20.53 -2.35 -5.55
N GLY A 4 -19.58 -1.86 -6.35
CA GLY A 4 -18.20 -2.22 -6.16
C GLY A 4 -17.37 -1.91 -7.39
N THR A 5 -17.66 -0.78 -8.02
CA THR A 5 -16.97 -0.36 -9.23
C THR A 5 -15.82 0.59 -8.89
N LYS A 6 -16.16 1.68 -8.21
CA LYS A 6 -15.16 2.65 -7.78
C LYS A 6 -14.33 2.07 -6.66
N LYS A 7 -14.96 1.20 -5.87
CA LYS A 7 -14.28 0.56 -4.76
C LYS A 7 -13.36 -0.56 -5.23
N ARG A 8 -13.39 -0.86 -6.52
CA ARG A 8 -12.53 -1.87 -7.10
C ARG A 8 -11.08 -1.41 -7.00
N ALA A 9 -10.83 -0.21 -7.49
CA ALA A 9 -9.50 0.40 -7.41
C ALA A 9 -9.15 0.70 -5.95
N GLN A 10 -10.17 1.01 -5.15
CA GLN A 10 -9.96 1.29 -3.74
C GLN A 10 -9.57 0.04 -2.96
N ARG A 11 -9.96 -1.12 -3.48
CA ARG A 11 -9.58 -2.38 -2.90
C ARG A 11 -8.10 -2.61 -3.09
N ILE A 12 -7.64 -2.39 -4.31
CA ILE A 12 -6.23 -2.54 -4.63
C ILE A 12 -5.42 -1.48 -3.89
N LEU A 13 -6.03 -0.30 -3.73
CA LEU A 13 -5.41 0.82 -3.01
C LEU A 13 -5.00 0.42 -1.61
N ILE A 14 -5.80 -0.41 -0.95
CA ILE A 14 -5.48 -0.91 0.38
C ILE A 14 -4.13 -1.60 0.39
N PHE A 15 -3.92 -2.47 -0.59
CA PHE A 15 -2.68 -3.22 -0.72
C PHE A 15 -1.54 -2.30 -1.12
N LEU A 16 -1.83 -1.33 -1.97
CA LEU A 16 -0.86 -0.33 -2.37
C LEU A 16 -0.43 0.51 -1.17
N LEU A 17 -1.42 0.94 -0.40
CA LEU A 17 -1.19 1.71 0.82
C LEU A 17 -0.23 0.98 1.75
N GLU A 18 -0.55 -0.26 2.07
CA GLU A 18 0.28 -1.08 2.93
C GLU A 18 1.70 -1.20 2.37
N PHE A 19 1.81 -1.32 1.06
CA PHE A 19 3.10 -1.41 0.40
C PHE A 19 3.86 -0.09 0.52
N LEU A 20 3.17 1.00 0.22
CA LEU A 20 3.75 2.34 0.25
C LEU A 20 4.29 2.70 1.63
N LEU A 21 3.48 2.53 2.67
CA LEU A 21 3.89 2.91 4.02
C LEU A 21 5.03 2.01 4.51
N ASP A 22 5.01 0.76 4.10
CA ASP A 22 6.02 -0.20 4.50
C ASP A 22 7.35 0.12 3.80
N PHE A 23 7.24 0.66 2.60
CA PHE A 23 8.40 1.03 1.81
C PHE A 23 8.94 2.40 2.26
N CYS A 24 8.02 3.34 2.47
CA CYS A 24 8.37 4.71 2.84
C CYS A 24 9.03 4.77 4.22
N THR A 25 8.56 3.96 5.15
CA THR A 25 9.13 3.94 6.49
C THR A 25 10.58 3.45 6.46
N GLY A 26 10.87 2.51 5.58
CA GLY A 26 12.21 1.97 5.49
C GLY A 26 13.05 2.66 4.43
N GLU A 27 12.66 3.88 4.07
CA GLU A 27 13.45 4.69 3.15
C GLU A 27 14.77 5.09 3.79
N ASP A 28 14.68 5.84 4.88
CA ASP A 28 15.88 6.30 5.58
C ASP A 28 15.67 6.24 7.09
N SER A 29 14.45 5.93 7.52
CA SER A 29 14.11 5.95 8.93
C SER A 29 13.93 4.53 9.47
N VAL A 30 13.65 4.46 10.78
CA VAL A 30 13.44 3.19 11.50
C VAL A 30 14.43 2.11 11.08
N ASP A 31 15.64 2.19 11.63
CA ASP A 31 16.69 1.21 11.35
C ASP A 31 16.20 -0.20 11.67
N GLY A 32 16.30 -1.09 10.71
CA GLY A 32 15.88 -2.46 10.91
C GLY A 32 17.05 -3.37 11.20
N LYS A 33 18.09 -3.23 10.39
CA LYS A 33 19.28 -4.04 10.55
C LYS A 33 20.22 -3.40 11.56
N LYS A 34 20.31 -2.07 11.48
CA LYS A 34 21.13 -1.31 12.42
C LYS A 34 20.30 -0.89 13.63
N ARG A 35 19.43 -1.78 14.06
CA ARG A 35 18.55 -1.52 15.19
C ARG A 35 19.15 -2.08 16.46
N GLN A 36 19.66 -1.20 17.30
CA GLN A 36 20.25 -1.59 18.57
C GLN A 36 20.06 -0.49 19.60
N THR A 1 -21.79 -8.01 -1.11
CA THR A 1 -21.08 -9.19 -1.63
C THR A 1 -21.02 -9.15 -3.16
N TRP A 2 -19.82 -8.86 -3.67
CA TRP A 2 -19.58 -8.75 -5.12
C TRP A 2 -20.55 -7.78 -5.78
N SER A 3 -20.52 -6.54 -5.33
CA SER A 3 -21.36 -5.50 -5.90
C SER A 3 -20.60 -4.18 -5.95
N GLY A 4 -20.25 -3.76 -7.16
CA GLY A 4 -19.51 -2.53 -7.32
C GLY A 4 -18.23 -2.75 -8.08
N THR A 5 -18.14 -2.17 -9.27
CA THR A 5 -16.95 -2.30 -10.10
C THR A 5 -15.74 -1.64 -9.44
N LYS A 6 -15.95 -0.43 -8.96
CA LYS A 6 -14.88 0.36 -8.35
C LYS A 6 -14.43 -0.23 -7.01
N LYS A 7 -15.21 -1.14 -6.45
CA LYS A 7 -14.83 -1.83 -5.22
C LYS A 7 -13.46 -2.49 -5.38
N ARG A 8 -13.23 -3.06 -6.56
CA ARG A 8 -11.98 -3.72 -6.87
C ARG A 8 -10.85 -2.70 -6.98
N ALA A 9 -11.15 -1.57 -7.62
CA ALA A 9 -10.16 -0.54 -7.86
C ALA A 9 -9.80 0.21 -6.59
N GLN A 10 -10.79 0.49 -5.75
CA GLN A 10 -10.56 1.27 -4.54
C GLN A 10 -9.89 0.42 -3.47
N ARG A 11 -10.11 -0.89 -3.52
CA ARG A 11 -9.46 -1.80 -2.58
C ARG A 11 -7.95 -1.77 -2.80
N ILE A 12 -7.56 -1.47 -4.04
CA ILE A 12 -6.16 -1.42 -4.42
C ILE A 12 -5.44 -0.31 -3.64
N LEU A 13 -6.18 0.74 -3.31
CA LEU A 13 -5.64 1.84 -2.52
C LEU A 13 -5.13 1.32 -1.17
N ILE A 14 -5.83 0.33 -0.62
CA ILE A 14 -5.43 -0.29 0.63
C ILE A 14 -4.09 -0.99 0.46
N PHE A 15 -3.95 -1.72 -0.65
CA PHE A 15 -2.73 -2.42 -0.96
C PHE A 15 -1.59 -1.44 -1.22
N LEU A 16 -1.89 -0.38 -1.97
CA LEU A 16 -0.91 0.68 -2.23
C LEU A 16 -0.42 1.26 -0.92
N LEU A 17 -1.36 1.61 -0.06
CA LEU A 17 -1.05 2.16 1.25
C LEU A 17 -0.11 1.26 2.01
N GLU A 18 -0.50 0.00 2.20
CA GLU A 18 0.31 -0.96 2.93
C GLU A 18 1.69 -1.14 2.29
N PHE A 19 1.74 -1.08 0.96
CA PHE A 19 3.00 -1.20 0.24
C PHE A 19 3.87 0.03 0.49
N LEU A 20 3.26 1.21 0.38
CA LEU A 20 3.96 2.47 0.60
C LEU A 20 4.54 2.54 2.01
N LEU A 21 3.77 2.08 2.99
CA LEU A 21 4.21 2.06 4.38
C LEU A 21 5.32 1.03 4.56
N ASP A 22 5.13 -0.12 3.92
CA ASP A 22 6.12 -1.19 3.97
C ASP A 22 7.44 -0.72 3.37
N PHE A 23 7.34 -0.05 2.22
CA PHE A 23 8.51 0.53 1.57
C PHE A 23 9.12 1.62 2.44
N CYS A 24 8.27 2.43 3.06
CA CYS A 24 8.71 3.52 3.92
C CYS A 24 9.68 3.04 4.99
N THR A 25 9.38 1.89 5.58
CA THR A 25 10.24 1.34 6.62
C THR A 25 11.25 0.33 6.06
N GLY A 26 10.83 -0.40 5.03
CA GLY A 26 11.68 -1.42 4.47
C GLY A 26 11.99 -1.18 3.01
N GLU A 27 12.87 -0.20 2.75
CA GLU A 27 13.34 0.06 1.40
C GLU A 27 14.38 -0.98 1.00
N ASP A 28 14.98 -1.60 2.00
CA ASP A 28 16.02 -2.60 1.77
C ASP A 28 15.77 -3.86 2.60
N SER A 29 15.85 -3.71 3.91
CA SER A 29 15.74 -4.85 4.81
C SER A 29 14.29 -5.16 5.12
N VAL A 30 14.03 -6.43 5.49
CA VAL A 30 12.68 -6.90 5.76
C VAL A 30 11.77 -6.70 4.55
N ASP A 31 12.01 -7.51 3.52
CA ASP A 31 11.26 -7.40 2.28
C ASP A 31 10.89 -8.79 1.77
N GLY A 32 9.85 -9.35 2.35
CA GLY A 32 9.34 -10.62 1.90
C GLY A 32 7.82 -10.61 1.80
N LYS A 33 7.17 -10.29 2.91
CA LYS A 33 5.72 -10.20 2.98
C LYS A 33 5.07 -11.52 2.61
N LYS A 34 5.39 -12.56 3.36
CA LYS A 34 4.83 -13.87 3.10
C LYS A 34 3.38 -13.92 3.54
N ARG A 35 2.47 -13.95 2.58
CA ARG A 35 1.05 -13.96 2.88
C ARG A 35 0.32 -14.90 1.92
N GLN A 36 -0.26 -15.95 2.48
CA GLN A 36 -1.04 -16.89 1.70
C GLN A 36 -2.39 -17.12 2.36
N THR A 1 -27.51 -5.24 -9.85
CA THR A 1 -26.08 -5.60 -9.73
C THR A 1 -25.41 -4.72 -8.68
N TRP A 2 -24.39 -5.25 -8.04
CA TRP A 2 -23.66 -4.51 -7.03
C TRP A 2 -22.80 -3.44 -7.68
N SER A 3 -23.08 -2.20 -7.35
CA SER A 3 -22.42 -1.06 -7.96
C SER A 3 -21.16 -0.69 -7.20
N GLY A 4 -20.06 -0.61 -7.91
CA GLY A 4 -18.80 -0.23 -7.32
C GLY A 4 -17.86 0.35 -8.36
N THR A 5 -18.13 1.60 -8.74
CA THR A 5 -17.40 2.27 -9.80
C THR A 5 -15.90 2.33 -9.51
N LYS A 6 -15.54 2.86 -8.35
CA LYS A 6 -14.15 2.95 -7.95
C LYS A 6 -13.85 2.04 -6.76
N LYS A 7 -14.88 1.40 -6.23
CA LYS A 7 -14.73 0.58 -5.03
C LYS A 7 -13.78 -0.60 -5.25
N ARG A 8 -13.76 -1.15 -6.46
CA ARG A 8 -12.89 -2.28 -6.75
C ARG A 8 -11.47 -1.80 -7.02
N ALA A 9 -11.33 -0.54 -7.39
CA ALA A 9 -10.03 0.06 -7.63
C ALA A 9 -9.41 0.51 -6.32
N GLN A 10 -10.21 1.16 -5.48
CA GLN A 10 -9.74 1.69 -4.22
C GLN A 10 -9.44 0.59 -3.21
N ARG A 11 -10.04 -0.58 -3.42
CA ARG A 11 -9.74 -1.72 -2.56
C ARG A 11 -8.35 -2.26 -2.89
N ILE A 12 -7.89 -1.99 -4.11
CA ILE A 12 -6.54 -2.38 -4.52
C ILE A 12 -5.53 -1.37 -3.96
N LEU A 13 -5.95 -0.11 -3.89
CA LEU A 13 -5.13 0.95 -3.33
C LEU A 13 -4.74 0.63 -1.88
N ILE A 14 -5.55 -0.18 -1.23
CA ILE A 14 -5.28 -0.60 0.14
C ILE A 14 -4.00 -1.42 0.21
N PHE A 15 -3.87 -2.38 -0.68
CA PHE A 15 -2.70 -3.24 -0.74
C PHE A 15 -1.46 -2.41 -1.07
N LEU A 16 -1.63 -1.47 -1.98
CA LEU A 16 -0.55 -0.56 -2.36
C LEU A 16 -0.18 0.32 -1.17
N LEU A 17 -1.20 0.74 -0.43
CA LEU A 17 -1.01 1.54 0.77
C LEU A 17 -0.15 0.80 1.78
N GLU A 18 -0.52 -0.45 2.06
CA GLU A 18 0.23 -1.30 2.99
C GLU A 18 1.66 -1.50 2.50
N PHE A 19 1.85 -1.41 1.19
CA PHE A 19 3.17 -1.51 0.61
C PHE A 19 3.93 -0.20 0.83
N LEU A 20 3.28 0.92 0.53
CA LEU A 20 3.89 2.23 0.61
C LEU A 20 4.34 2.57 2.03
N LEU A 21 3.55 2.18 3.03
CA LEU A 21 3.88 2.49 4.42
C LEU A 21 5.09 1.68 4.90
N ASP A 22 5.50 0.72 4.10
CA ASP A 22 6.72 -0.05 4.39
C ASP A 22 7.83 0.39 3.45
N PHE A 23 7.47 0.62 2.20
CA PHE A 23 8.40 1.04 1.15
C PHE A 23 8.96 2.43 1.46
N CYS A 24 8.29 3.15 2.35
CA CYS A 24 8.71 4.49 2.76
C CYS A 24 10.08 4.45 3.44
N THR A 25 10.51 3.25 3.82
CA THR A 25 11.82 3.07 4.45
C THR A 25 12.95 3.37 3.46
N GLY A 26 12.62 3.40 2.18
CA GLY A 26 13.61 3.71 1.17
C GLY A 26 14.67 2.65 1.08
N GLU A 27 15.92 3.06 1.25
CA GLU A 27 17.02 2.13 1.37
C GLU A 27 17.07 1.61 2.79
N ASP A 28 17.21 2.55 3.73
CA ASP A 28 17.21 2.25 5.15
C ASP A 28 17.10 3.58 5.90
N SER A 29 16.10 4.35 5.52
CA SER A 29 15.92 5.68 6.09
C SER A 29 14.55 5.82 6.75
N VAL A 30 14.41 6.84 7.59
CA VAL A 30 13.16 7.11 8.26
C VAL A 30 12.80 8.58 8.09
N ASP A 31 12.85 9.04 6.85
CA ASP A 31 12.65 10.46 6.53
C ASP A 31 11.18 10.76 6.27
N GLY A 32 10.65 11.72 7.01
CA GLY A 32 9.31 12.22 6.75
C GLY A 32 8.24 11.43 7.48
N LYS A 33 7.99 10.20 7.01
CA LYS A 33 6.87 9.40 7.48
C LYS A 33 5.56 10.15 7.25
N LYS A 34 5.43 10.72 6.06
CA LYS A 34 4.29 11.57 5.73
C LYS A 34 3.00 10.76 5.61
N ARG A 35 3.11 9.54 5.10
CA ARG A 35 1.94 8.70 4.88
C ARG A 35 2.04 7.43 5.72
N GLN A 36 1.51 7.50 6.93
CA GLN A 36 1.53 6.37 7.83
C GLN A 36 0.11 6.00 8.27
N THR A 1 -26.49 1.87 -12.59
CA THR A 1 -25.22 1.86 -11.82
C THR A 1 -25.05 0.54 -11.11
N TRP A 2 -23.83 0.00 -11.13
CA TRP A 2 -23.52 -1.22 -10.41
C TRP A 2 -22.80 -0.90 -9.10
N SER A 3 -22.97 -1.76 -8.12
CA SER A 3 -22.30 -1.59 -6.84
C SER A 3 -21.01 -2.39 -6.82
N GLY A 4 -19.92 -1.73 -6.46
CA GLY A 4 -18.63 -2.37 -6.43
C GLY A 4 -17.80 -2.04 -7.65
N THR A 5 -18.15 -0.96 -8.31
CA THR A 5 -17.46 -0.55 -9.53
C THR A 5 -16.05 -0.07 -9.22
N LYS A 6 -15.95 1.08 -8.56
CA LYS A 6 -14.65 1.66 -8.25
C LYS A 6 -14.12 1.13 -6.92
N LYS A 7 -14.95 0.38 -6.22
CA LYS A 7 -14.54 -0.21 -4.95
C LYS A 7 -13.44 -1.24 -5.17
N ARG A 8 -13.49 -1.91 -6.32
CA ARG A 8 -12.47 -2.88 -6.68
C ARG A 8 -11.14 -2.19 -6.96
N ALA A 9 -11.22 -0.91 -7.30
CA ALA A 9 -10.02 -0.13 -7.56
C ALA A 9 -9.47 0.45 -6.26
N GLN A 10 -10.35 0.94 -5.41
CA GLN A 10 -9.95 1.54 -4.15
C GLN A 10 -9.48 0.49 -3.15
N ARG A 11 -9.83 -0.77 -3.39
CA ARG A 11 -9.31 -1.86 -2.56
C ARG A 11 -7.86 -2.11 -2.91
N ILE A 12 -7.50 -1.86 -4.17
CA ILE A 12 -6.11 -1.95 -4.60
C ILE A 12 -5.32 -0.83 -3.96
N LEU A 13 -5.96 0.32 -3.83
CA LEU A 13 -5.38 1.46 -3.15
C LEU A 13 -4.97 1.09 -1.73
N ILE A 14 -5.77 0.24 -1.08
CA ILE A 14 -5.46 -0.25 0.25
C ILE A 14 -4.16 -1.06 0.21
N PHE A 15 -4.04 -1.87 -0.82
CA PHE A 15 -2.87 -2.72 -0.99
C PHE A 15 -1.64 -1.87 -1.34
N LEU A 16 -1.87 -0.84 -2.13
CA LEU A 16 -0.82 0.13 -2.42
C LEU A 16 -0.38 0.80 -1.13
N LEU A 17 -1.36 1.19 -0.31
CA LEU A 17 -1.11 1.87 0.95
C LEU A 17 -0.25 1.00 1.88
N GLU A 18 -0.66 -0.25 2.06
CA GLU A 18 0.06 -1.17 2.95
C GLU A 18 1.48 -1.40 2.43
N PHE A 19 1.64 -1.27 1.12
CA PHE A 19 2.95 -1.36 0.50
C PHE A 19 3.75 -0.08 0.77
N LEU A 20 3.12 1.06 0.54
CA LEU A 20 3.77 2.36 0.67
C LEU A 20 4.35 2.58 2.06
N LEU A 21 3.59 2.23 3.10
CA LEU A 21 4.07 2.42 4.47
C LEU A 21 5.28 1.53 4.75
N ASP A 22 5.25 0.32 4.21
CA ASP A 22 6.33 -0.64 4.37
C ASP A 22 7.55 -0.20 3.57
N PHE A 23 7.29 0.29 2.37
CA PHE A 23 8.33 0.81 1.49
C PHE A 23 8.96 2.06 2.10
N CYS A 24 8.13 2.88 2.73
CA CYS A 24 8.59 4.08 3.40
C CYS A 24 9.52 3.71 4.55
N THR A 25 9.00 2.98 5.53
CA THR A 25 9.80 2.49 6.65
C THR A 25 8.92 1.84 7.72
N GLY A 26 7.75 2.42 7.95
CA GLY A 26 6.88 1.91 8.99
C GLY A 26 5.42 2.18 8.70
N GLU A 27 4.55 1.50 9.44
CA GLU A 27 3.10 1.65 9.27
C GLU A 27 2.68 3.10 9.44
N ASP A 28 3.09 3.70 10.54
CA ASP A 28 2.83 5.10 10.79
C ASP A 28 3.87 5.95 10.07
N SER A 29 5.11 5.48 10.14
CA SER A 29 6.25 6.17 9.55
C SER A 29 6.47 7.51 10.23
N VAL A 30 7.39 8.30 9.67
CA VAL A 30 7.79 9.61 10.19
C VAL A 30 7.71 9.67 11.73
N ASP A 31 8.66 9.03 12.36
CA ASP A 31 8.75 9.07 13.82
C ASP A 31 9.13 10.47 14.27
N GLY A 32 8.64 10.87 15.44
CA GLY A 32 8.86 12.21 15.90
C GLY A 32 7.72 13.13 15.51
N LYS A 33 6.50 12.69 15.80
CA LYS A 33 5.31 13.44 15.41
C LYS A 33 4.33 13.57 16.58
N LYS A 34 4.78 13.15 17.76
CA LYS A 34 3.94 13.21 18.95
C LYS A 34 4.03 14.57 19.60
N ARG A 35 5.04 15.35 19.22
CA ARG A 35 5.20 16.70 19.73
C ARG A 35 5.52 17.66 18.60
N GLN A 36 4.57 17.85 17.68
CA GLN A 36 4.76 18.76 16.56
C GLN A 36 3.67 19.82 16.54
N THR A 1 -19.20 -6.57 -18.53
CA THR A 1 -18.13 -5.56 -18.44
C THR A 1 -16.85 -6.20 -17.90
N TRP A 2 -15.72 -5.85 -18.51
CA TRP A 2 -14.43 -6.37 -18.09
C TRP A 2 -13.60 -5.26 -17.47
N SER A 3 -12.44 -5.63 -16.93
CA SER A 3 -11.51 -4.70 -16.29
C SER A 3 -12.21 -3.80 -15.28
N GLY A 4 -12.37 -4.29 -14.06
CA GLY A 4 -12.97 -3.50 -13.01
C GLY A 4 -12.00 -2.49 -12.44
N THR A 5 -11.48 -1.64 -13.31
CA THR A 5 -10.47 -0.67 -12.95
C THR A 5 -10.94 0.25 -11.85
N LYS A 6 -12.11 0.83 -12.03
CA LYS A 6 -12.67 1.76 -11.05
C LYS A 6 -13.49 1.02 -9.99
N LYS A 7 -13.33 -0.29 -9.95
CA LYS A 7 -14.02 -1.09 -8.94
C LYS A 7 -13.01 -1.72 -7.99
N ARG A 8 -12.04 -2.43 -8.54
CA ARG A 8 -11.04 -3.12 -7.73
C ARG A 8 -10.09 -2.13 -7.08
N ALA A 9 -10.02 -0.93 -7.66
CA ALA A 9 -9.14 0.12 -7.17
C ALA A 9 -9.47 0.49 -5.72
N GLN A 10 -10.73 0.29 -5.34
CA GLN A 10 -11.18 0.62 -4.00
C GLN A 10 -10.48 -0.27 -2.97
N ARG A 11 -10.14 -1.47 -3.41
CA ARG A 11 -9.48 -2.45 -2.55
C ARG A 11 -7.97 -2.38 -2.72
N ILE A 12 -7.53 -2.28 -3.96
CA ILE A 12 -6.10 -2.24 -4.27
C ILE A 12 -5.45 -1.01 -3.62
N LEU A 13 -6.25 0.02 -3.41
CA LEU A 13 -5.81 1.22 -2.71
C LEU A 13 -5.22 0.86 -1.35
N ILE A 14 -5.86 -0.09 -0.67
CA ILE A 14 -5.39 -0.55 0.63
C ILE A 14 -4.03 -1.22 0.50
N PHE A 15 -3.89 -2.05 -0.52
CA PHE A 15 -2.64 -2.76 -0.78
C PHE A 15 -1.53 -1.81 -1.16
N LEU A 16 -1.86 -0.79 -1.96
CA LEU A 16 -0.88 0.20 -2.36
C LEU A 16 -0.51 1.07 -1.16
N LEU A 17 -1.49 1.33 -0.31
CA LEU A 17 -1.26 2.08 0.92
C LEU A 17 -0.26 1.35 1.81
N GLU A 18 -0.54 0.07 2.05
CA GLU A 18 0.35 -0.78 2.83
C GLU A 18 1.72 -0.84 2.20
N PHE A 19 1.77 -0.99 0.88
CA PHE A 19 3.03 -1.07 0.16
C PHE A 19 3.90 0.16 0.39
N LEU A 20 3.29 1.34 0.24
CA LEU A 20 4.01 2.60 0.39
C LEU A 20 4.62 2.74 1.78
N LEU A 21 3.82 2.46 2.82
CA LEU A 21 4.31 2.63 4.19
C LEU A 21 5.25 1.50 4.58
N ASP A 22 5.07 0.33 3.98
CA ASP A 22 5.97 -0.80 4.22
C ASP A 22 7.31 -0.56 3.55
N PHE A 23 7.27 0.00 2.36
CA PHE A 23 8.48 0.34 1.61
C PHE A 23 9.22 1.48 2.31
N CYS A 24 8.46 2.40 2.88
CA CYS A 24 9.03 3.58 3.53
C CYS A 24 9.75 3.23 4.84
N THR A 25 9.74 1.95 5.21
CA THR A 25 10.46 1.51 6.40
C THR A 25 11.95 1.43 6.11
N GLY A 26 12.28 1.20 4.84
CA GLY A 26 13.66 1.04 4.44
C GLY A 26 14.10 -0.41 4.46
N GLU A 27 13.35 -1.26 3.78
CA GLU A 27 13.66 -2.69 3.73
C GLU A 27 14.83 -2.96 2.78
N ASP A 28 14.73 -2.43 1.58
CA ASP A 28 15.79 -2.51 0.59
C ASP A 28 15.73 -1.24 -0.24
N SER A 29 15.52 -0.13 0.45
CA SER A 29 15.33 1.15 -0.20
C SER A 29 16.63 1.91 -0.33
N VAL A 30 16.69 2.75 -1.33
CA VAL A 30 17.79 3.67 -1.52
C VAL A 30 17.22 5.06 -1.78
N ASP A 31 16.70 5.67 -0.72
CA ASP A 31 16.02 6.95 -0.84
C ASP A 31 17.02 8.09 -0.98
N GLY A 32 16.52 9.31 -0.91
CA GLY A 32 17.35 10.46 -1.16
C GLY A 32 16.97 11.13 -2.46
N LYS A 33 15.88 10.63 -3.03
CA LYS A 33 15.36 11.15 -4.29
C LYS A 33 13.98 11.75 -4.06
N LYS A 34 13.81 12.35 -2.88
CA LYS A 34 12.53 12.88 -2.45
C LYS A 34 12.32 14.30 -2.98
N ARG A 35 13.33 15.14 -2.77
CA ARG A 35 13.27 16.54 -3.20
C ARG A 35 12.06 17.23 -2.57
N GLN A 36 12.12 17.39 -1.24
CA GLN A 36 11.06 18.02 -0.47
C GLN A 36 9.76 17.25 -0.59
N THR A 1 -14.04 -6.05 -13.65
CA THR A 1 -14.60 -6.66 -12.42
C THR A 1 -16.12 -6.51 -12.41
N TRP A 2 -16.81 -7.57 -12.76
CA TRP A 2 -18.27 -7.58 -12.83
C TRP A 2 -18.87 -7.29 -11.45
N SER A 3 -18.30 -7.92 -10.45
CA SER A 3 -18.80 -7.78 -9.10
C SER A 3 -18.05 -6.67 -8.36
N GLY A 4 -18.39 -5.43 -8.67
CA GLY A 4 -17.80 -4.29 -7.97
C GLY A 4 -16.57 -3.74 -8.68
N THR A 5 -16.78 -2.77 -9.54
CA THR A 5 -15.69 -2.16 -10.29
C THR A 5 -14.88 -1.20 -9.42
N LYS A 6 -15.55 -0.18 -8.91
CA LYS A 6 -14.90 0.88 -8.15
C LYS A 6 -14.40 0.36 -6.80
N LYS A 7 -15.14 -0.56 -6.19
CA LYS A 7 -14.75 -1.10 -4.90
C LYS A 7 -13.47 -1.92 -5.06
N ARG A 8 -13.29 -2.51 -6.23
CA ARG A 8 -12.09 -3.28 -6.52
C ARG A 8 -10.92 -2.32 -6.70
N ALA A 9 -11.16 -1.26 -7.45
CA ALA A 9 -10.16 -0.23 -7.66
C ALA A 9 -9.72 0.37 -6.34
N GLN A 10 -10.70 0.81 -5.55
CA GLN A 10 -10.44 1.45 -4.26
C GLN A 10 -9.74 0.50 -3.29
N ARG A 11 -10.03 -0.79 -3.37
CA ARG A 11 -9.42 -1.73 -2.45
C ARG A 11 -7.96 -1.96 -2.82
N ILE A 12 -7.64 -1.79 -4.10
CA ILE A 12 -6.25 -1.88 -4.56
C ILE A 12 -5.42 -0.78 -3.89
N LEU A 13 -6.04 0.38 -3.73
CA LEU A 13 -5.41 1.52 -3.08
C LEU A 13 -4.99 1.16 -1.66
N ILE A 14 -5.76 0.29 -1.02
CA ILE A 14 -5.42 -0.17 0.33
C ILE A 14 -4.11 -0.92 0.32
N PHE A 15 -3.99 -1.87 -0.61
CA PHE A 15 -2.80 -2.71 -0.71
C PHE A 15 -1.58 -1.90 -1.13
N LEU A 16 -1.79 -0.96 -2.05
CA LEU A 16 -0.71 -0.11 -2.51
C LEU A 16 -0.26 0.83 -1.39
N LEU A 17 -1.21 1.26 -0.56
CA LEU A 17 -0.90 2.11 0.58
C LEU A 17 -0.11 1.32 1.60
N GLU A 18 -0.56 0.09 1.86
CA GLU A 18 0.14 -0.82 2.76
C GLU A 18 1.57 -1.07 2.27
N PHE A 19 1.71 -1.22 0.96
CA PHE A 19 3.02 -1.39 0.34
C PHE A 19 3.91 -0.19 0.65
N LEU A 20 3.39 1.02 0.40
CA LEU A 20 4.12 2.25 0.65
C LEU A 20 4.59 2.34 2.09
N LEU A 21 3.78 1.85 3.02
CA LEU A 21 4.13 1.85 4.43
C LEU A 21 5.22 0.84 4.71
N ASP A 22 4.98 -0.41 4.31
CA ASP A 22 5.90 -1.52 4.57
C ASP A 22 7.25 -1.28 3.89
N PHE A 23 7.21 -0.81 2.66
CA PHE A 23 8.43 -0.52 1.91
C PHE A 23 9.26 0.55 2.61
N CYS A 24 8.57 1.43 3.33
CA CYS A 24 9.20 2.55 4.00
C CYS A 24 9.19 2.37 5.51
N THR A 25 9.45 1.16 5.97
CA THR A 25 9.50 0.91 7.41
C THR A 25 10.91 1.03 7.95
N GLY A 26 11.60 -0.10 8.06
CA GLY A 26 12.92 -0.12 8.67
C GLY A 26 14.00 0.39 7.74
N GLU A 27 13.78 0.28 6.45
CA GLU A 27 14.77 0.74 5.47
C GLU A 27 14.68 2.25 5.27
N ASP A 28 13.55 2.82 5.67
CA ASP A 28 13.38 4.26 5.59
C ASP A 28 13.77 4.91 6.91
N SER A 29 13.29 4.34 8.00
CA SER A 29 13.60 4.86 9.32
C SER A 29 15.07 4.63 9.65
N VAL A 30 15.62 5.48 10.50
CA VAL A 30 17.02 5.38 10.88
C VAL A 30 17.13 4.94 12.35
N ASP A 31 16.75 3.71 12.59
CA ASP A 31 16.79 3.13 13.92
C ASP A 31 18.20 2.68 14.27
N GLY A 32 18.44 2.47 15.56
CA GLY A 32 19.77 2.11 16.03
C GLY A 32 20.08 0.64 15.83
N LYS A 33 20.05 0.19 14.59
CA LYS A 33 20.38 -1.19 14.26
C LYS A 33 21.89 -1.41 14.34
N LYS A 34 22.64 -0.36 14.04
CA LYS A 34 24.09 -0.42 14.11
C LYS A 34 24.56 -0.20 15.54
N ARG A 35 23.61 0.02 16.43
CA ARG A 35 23.89 0.18 17.84
C ARG A 35 23.97 -1.19 18.50
N GLN A 36 24.83 -1.32 19.48
CA GLN A 36 24.99 -2.59 20.17
C GLN A 36 24.13 -2.63 21.43
N THR A 1 -23.53 -3.44 -5.80
CA THR A 1 -23.34 -3.81 -4.38
C THR A 1 -22.93 -2.59 -3.56
N TRP A 2 -23.57 -2.40 -2.41
CA TRP A 2 -23.24 -1.27 -1.54
C TRP A 2 -21.81 -1.38 -1.04
N SER A 3 -21.02 -0.37 -1.37
CA SER A 3 -19.60 -0.35 -1.02
C SER A 3 -18.87 -1.55 -1.64
N GLY A 4 -19.17 -1.80 -2.91
CA GLY A 4 -18.56 -2.92 -3.60
C GLY A 4 -18.38 -2.65 -5.08
N THR A 5 -19.45 -2.17 -5.73
CA THR A 5 -19.45 -1.91 -7.15
C THR A 5 -18.27 -1.03 -7.57
N LYS A 6 -18.13 0.12 -6.92
CA LYS A 6 -17.08 1.07 -7.27
C LYS A 6 -15.94 1.03 -6.27
N LYS A 7 -15.75 -0.13 -5.64
CA LYS A 7 -14.70 -0.31 -4.66
C LYS A 7 -13.72 -1.39 -5.13
N ARG A 8 -13.64 -1.57 -6.44
CA ARG A 8 -12.79 -2.60 -7.02
C ARG A 8 -11.36 -2.11 -7.12
N ALA A 9 -11.16 -0.97 -7.78
CA ALA A 9 -9.83 -0.39 -7.91
C ALA A 9 -9.41 0.27 -6.60
N GLN A 10 -10.39 0.67 -5.81
CA GLN A 10 -10.14 1.32 -4.54
C GLN A 10 -9.72 0.31 -3.48
N ARG A 11 -9.94 -0.98 -3.74
CA ARG A 11 -9.48 -2.01 -2.82
C ARG A 11 -7.98 -2.19 -3.00
N ILE A 12 -7.50 -1.89 -4.20
CA ILE A 12 -6.08 -1.96 -4.51
C ILE A 12 -5.34 -0.87 -3.74
N LEU A 13 -6.04 0.23 -3.49
CA LEU A 13 -5.51 1.34 -2.70
C LEU A 13 -5.06 0.83 -1.33
N ILE A 14 -5.79 -0.11 -0.77
CA ILE A 14 -5.46 -0.69 0.52
C ILE A 14 -4.08 -1.38 0.46
N PHE A 15 -3.88 -2.17 -0.57
CA PHE A 15 -2.63 -2.89 -0.76
C PHE A 15 -1.48 -1.90 -1.01
N LEU A 16 -1.74 -0.91 -1.85
CA LEU A 16 -0.72 0.06 -2.20
C LEU A 16 -0.41 0.95 -1.00
N LEU A 17 -1.41 1.20 -0.16
CA LEU A 17 -1.21 1.96 1.06
C LEU A 17 -0.23 1.24 1.97
N GLU A 18 -0.53 -0.03 2.23
CA GLU A 18 0.35 -0.87 3.05
C GLU A 18 1.70 -1.04 2.39
N PHE A 19 1.71 -1.02 1.06
CA PHE A 19 2.95 -1.10 0.30
C PHE A 19 3.82 0.11 0.57
N LEU A 20 3.23 1.30 0.48
CA LEU A 20 3.94 2.55 0.74
C LEU A 20 4.48 2.59 2.17
N LEU A 21 3.71 2.07 3.11
CA LEU A 21 4.12 2.03 4.51
C LEU A 21 5.36 1.14 4.67
N ASP A 22 5.30 -0.04 4.08
CA ASP A 22 6.39 -1.00 4.14
C ASP A 22 7.58 -0.52 3.31
N PHE A 23 7.28 0.23 2.25
CA PHE A 23 8.29 0.82 1.41
C PHE A 23 9.04 1.92 2.17
N CYS A 24 8.35 2.52 3.13
CA CYS A 24 8.93 3.59 3.94
C CYS A 24 9.75 3.01 5.10
N THR A 25 9.41 1.81 5.53
CA THR A 25 10.13 1.17 6.62
C THR A 25 11.40 0.50 6.13
N GLY A 26 11.26 -0.59 5.38
CA GLY A 26 12.43 -1.34 4.95
C GLY A 26 13.11 -2.01 6.12
N GLU A 27 12.32 -2.76 6.87
CA GLU A 27 12.77 -3.39 8.11
C GLU A 27 13.77 -4.50 7.83
N ASP A 28 13.78 -4.99 6.60
CA ASP A 28 14.69 -6.05 6.19
C ASP A 28 16.00 -5.46 5.70
N SER A 29 16.13 -4.13 5.82
CA SER A 29 17.34 -3.41 5.43
C SER A 29 17.51 -3.41 3.91
N VAL A 30 18.71 -3.06 3.45
CA VAL A 30 19.03 -2.92 2.02
C VAL A 30 17.89 -2.23 1.25
N ASP A 31 17.62 -1.00 1.67
CA ASP A 31 16.53 -0.21 1.09
C ASP A 31 16.94 0.37 -0.26
N GLY A 32 16.15 0.08 -1.27
CA GLY A 32 16.42 0.60 -2.59
C GLY A 32 17.18 -0.37 -3.45
N LYS A 33 18.23 -0.95 -2.88
CA LYS A 33 19.09 -1.90 -3.58
C LYS A 33 19.70 -1.23 -4.82
N LYS A 34 20.44 -0.16 -4.57
CA LYS A 34 21.02 0.62 -5.64
C LYS A 34 22.18 -0.12 -6.30
N ARG A 35 22.00 -0.45 -7.57
CA ARG A 35 23.04 -1.10 -8.35
C ARG A 35 23.01 -0.57 -9.78
N GLN A 36 22.55 0.66 -9.92
CA GLN A 36 22.46 1.30 -11.22
C GLN A 36 23.70 2.16 -11.45
N THR A 1 -14.05 -3.25 -12.71
CA THR A 1 -15.35 -3.32 -11.99
C THR A 1 -15.82 -4.77 -11.89
N TRP A 2 -16.26 -5.15 -10.69
CA TRP A 2 -16.75 -6.50 -10.45
C TRP A 2 -17.40 -6.55 -9.07
N SER A 3 -16.66 -6.13 -8.08
CA SER A 3 -17.18 -5.94 -6.74
C SER A 3 -17.06 -4.47 -6.37
N GLY A 4 -17.90 -3.66 -7.01
CA GLY A 4 -17.78 -2.23 -6.88
C GLY A 4 -17.26 -1.64 -8.17
N THR A 5 -17.97 -0.66 -8.71
CA THR A 5 -17.59 -0.04 -9.99
C THR A 5 -16.15 0.48 -9.95
N LYS A 6 -15.92 1.49 -9.13
CA LYS A 6 -14.58 2.00 -8.94
C LYS A 6 -14.05 1.61 -7.57
N LYS A 7 -14.96 1.18 -6.70
CA LYS A 7 -14.60 0.80 -5.33
C LYS A 7 -13.65 -0.39 -5.33
N ARG A 8 -13.81 -1.27 -6.32
CA ARG A 8 -12.94 -2.42 -6.46
C ARG A 8 -11.51 -1.95 -6.75
N ALA A 9 -11.40 -0.84 -7.44
CA ALA A 9 -10.09 -0.24 -7.73
C ALA A 9 -9.55 0.46 -6.49
N GLN A 10 -10.46 1.03 -5.70
CA GLN A 10 -10.07 1.75 -4.50
C GLN A 10 -9.60 0.80 -3.40
N ARG A 11 -10.07 -0.45 -3.46
CA ARG A 11 -9.63 -1.44 -2.49
C ARG A 11 -8.24 -1.94 -2.83
N ILE A 12 -7.84 -1.75 -4.09
CA ILE A 12 -6.50 -2.11 -4.51
C ILE A 12 -5.49 -1.17 -3.85
N LEU A 13 -5.95 0.06 -3.59
CA LEU A 13 -5.14 1.06 -2.93
C LEU A 13 -4.71 0.58 -1.55
N ILE A 14 -5.53 -0.26 -0.93
CA ILE A 14 -5.22 -0.82 0.38
C ILE A 14 -3.93 -1.64 0.31
N PHE A 15 -3.85 -2.50 -0.69
CA PHE A 15 -2.69 -3.36 -0.88
C PHE A 15 -1.47 -2.52 -1.19
N LEU A 16 -1.66 -1.54 -2.06
CA LEU A 16 -0.60 -0.61 -2.41
C LEU A 16 -0.14 0.15 -1.18
N LEU A 17 -1.10 0.62 -0.39
CA LEU A 17 -0.83 1.38 0.83
C LEU A 17 0.00 0.55 1.80
N GLU A 18 -0.36 -0.73 1.94
CA GLU A 18 0.38 -1.63 2.83
C GLU A 18 1.83 -1.78 2.37
N PHE A 19 2.06 -1.54 1.09
CA PHE A 19 3.40 -1.51 0.55
C PHE A 19 4.03 -0.14 0.77
N LEU A 20 3.26 0.89 0.45
CA LEU A 20 3.72 2.27 0.56
C LEU A 20 4.13 2.64 1.98
N LEU A 21 3.38 2.16 2.97
CA LEU A 21 3.69 2.46 4.36
C LEU A 21 5.01 1.80 4.76
N ASP A 22 5.31 0.65 4.15
CA ASP A 22 6.56 -0.04 4.42
C ASP A 22 7.70 0.59 3.64
N PHE A 23 7.37 1.04 2.44
CA PHE A 23 8.33 1.74 1.59
C PHE A 23 8.75 3.04 2.27
N CYS A 24 7.77 3.79 2.75
CA CYS A 24 8.02 5.05 3.44
C CYS A 24 8.74 4.79 4.76
N THR A 25 8.12 4.03 5.65
CA THR A 25 8.73 3.69 6.91
C THR A 25 8.97 2.19 7.02
N GLY A 26 7.93 1.43 7.31
CA GLY A 26 8.06 0.01 7.46
C GLY A 26 6.83 -0.63 8.05
N GLU A 27 6.57 -1.87 7.69
CA GLU A 27 5.48 -2.63 8.30
C GLU A 27 6.00 -3.40 9.52
N ASP A 28 7.29 -3.70 9.49
CA ASP A 28 7.94 -4.42 10.58
C ASP A 28 8.40 -3.46 11.66
N SER A 29 8.63 -2.21 11.27
CA SER A 29 9.07 -1.18 12.20
C SER A 29 8.76 0.19 11.65
N VAL A 30 8.52 1.15 12.52
CA VAL A 30 8.20 2.51 12.12
C VAL A 30 9.09 3.49 12.86
N ASP A 31 10.34 3.55 12.44
CA ASP A 31 11.33 4.41 13.07
C ASP A 31 11.98 5.30 12.02
N GLY A 32 12.98 6.08 12.43
CA GLY A 32 13.64 6.99 11.52
C GLY A 32 15.05 6.56 11.23
N LYS A 33 15.31 5.26 11.39
CA LYS A 33 16.63 4.69 11.12
C LYS A 33 16.95 4.84 9.63
N LYS A 34 15.95 4.63 8.80
CA LYS A 34 16.10 4.81 7.37
C LYS A 34 16.00 6.28 7.00
N ARG A 35 14.85 6.90 7.26
CA ARG A 35 14.65 8.32 7.00
C ARG A 35 13.23 8.75 7.36
N GLN A 36 13.11 9.85 8.09
CA GLN A 36 11.83 10.49 8.34
C GLN A 36 11.98 12.00 8.24
N THR A 1 -28.30 0.52 -11.36
CA THR A 1 -27.34 1.64 -11.38
C THR A 1 -26.28 1.50 -10.29
N TRP A 2 -25.17 0.89 -10.63
CA TRP A 2 -24.07 0.72 -9.69
C TRP A 2 -22.75 1.12 -10.35
N SER A 3 -22.23 2.27 -9.95
CA SER A 3 -20.98 2.77 -10.50
C SER A 3 -19.79 2.09 -9.83
N GLY A 4 -19.64 0.80 -10.10
CA GLY A 4 -18.55 0.04 -9.52
C GLY A 4 -17.27 0.18 -10.32
N THR A 5 -16.87 1.42 -10.58
CA THR A 5 -15.67 1.71 -11.35
C THR A 5 -14.42 1.56 -10.49
N LYS A 6 -14.42 2.20 -9.33
CA LYS A 6 -13.28 2.14 -8.43
C LYS A 6 -13.64 1.40 -7.14
N LYS A 7 -14.82 0.79 -7.11
CA LYS A 7 -15.30 0.14 -5.91
C LYS A 7 -14.45 -1.08 -5.55
N ARG A 8 -13.82 -1.68 -6.53
CA ARG A 8 -12.88 -2.77 -6.28
C ARG A 8 -11.46 -2.28 -6.43
N ALA A 9 -11.28 -1.19 -7.16
CA ALA A 9 -9.98 -0.59 -7.35
C ALA A 9 -9.48 0.05 -6.06
N GLN A 10 -10.42 0.57 -5.27
CA GLN A 10 -10.09 1.22 -4.01
C GLN A 10 -9.41 0.26 -3.04
N ARG A 11 -9.74 -1.02 -3.16
CA ARG A 11 -9.12 -2.03 -2.30
C ARG A 11 -7.67 -2.22 -2.71
N ILE A 12 -7.40 -2.07 -4.00
CA ILE A 12 -6.04 -2.17 -4.52
C ILE A 12 -5.23 -0.96 -4.06
N LEU A 13 -5.91 0.17 -3.97
CA LEU A 13 -5.29 1.39 -3.46
C LEU A 13 -4.87 1.19 -2.01
N ILE A 14 -5.64 0.43 -1.26
CA ILE A 14 -5.29 0.07 0.11
C ILE A 14 -4.06 -0.82 0.11
N PHE A 15 -3.99 -1.75 -0.83
CA PHE A 15 -2.86 -2.65 -0.95
C PHE A 15 -1.58 -1.88 -1.25
N LEU A 16 -1.68 -0.92 -2.16
CA LEU A 16 -0.55 -0.06 -2.49
C LEU A 16 -0.24 0.86 -1.32
N LEU A 17 -1.28 1.23 -0.57
CA LEU A 17 -1.13 2.04 0.62
C LEU A 17 -0.28 1.28 1.65
N GLU A 18 -0.61 0.02 1.86
CA GLU A 18 0.15 -0.84 2.77
C GLU A 18 1.58 -1.02 2.27
N PHE A 19 1.73 -1.10 0.95
CA PHE A 19 3.04 -1.18 0.34
C PHE A 19 3.87 0.05 0.71
N LEU A 20 3.23 1.21 0.68
CA LEU A 20 3.90 2.46 1.01
C LEU A 20 4.29 2.50 2.49
N LEU A 21 3.60 1.73 3.32
CA LEU A 21 3.95 1.63 4.73
C LEU A 21 5.23 0.83 4.89
N ASP A 22 5.31 -0.26 4.15
CA ASP A 22 6.51 -1.10 4.13
C ASP A 22 7.66 -0.37 3.45
N PHE A 23 7.34 0.35 2.37
CA PHE A 23 8.34 1.11 1.63
C PHE A 23 8.84 2.29 2.45
N CYS A 24 8.00 2.77 3.36
CA CYS A 24 8.35 3.87 4.25
C CYS A 24 9.53 3.48 5.14
N THR A 25 9.61 2.20 5.47
CA THR A 25 10.71 1.70 6.28
C THR A 25 11.17 0.32 5.77
N GLY A 26 10.58 -0.76 6.28
CA GLY A 26 10.89 -2.08 5.76
C GLY A 26 12.31 -2.51 6.05
N GLU A 27 12.86 -2.00 7.14
CA GLU A 27 14.19 -2.40 7.58
C GLU A 27 14.07 -3.53 8.59
N ASP A 28 12.84 -3.75 9.04
CA ASP A 28 12.52 -4.84 9.93
C ASP A 28 11.21 -5.48 9.48
N SER A 29 10.15 -4.66 9.49
CA SER A 29 8.81 -5.05 9.05
C SER A 29 7.81 -4.05 9.58
N VAL A 30 6.53 -4.36 9.45
CA VAL A 30 5.47 -3.52 9.98
C VAL A 30 4.64 -4.32 10.97
N ASP A 31 5.26 -4.62 12.12
CA ASP A 31 4.65 -5.45 13.15
C ASP A 31 4.34 -6.84 12.60
N GLY A 32 5.37 -7.66 12.46
CA GLY A 32 5.22 -8.97 11.86
C GLY A 32 5.28 -8.90 10.34
N LYS A 33 4.29 -8.23 9.76
CA LYS A 33 4.27 -7.97 8.33
C LYS A 33 3.43 -6.73 8.04
N LYS A 34 2.20 -6.73 8.52
CA LYS A 34 1.32 -5.58 8.40
C LYS A 34 0.54 -5.40 9.69
N ARG A 35 0.61 -4.21 10.26
CA ARG A 35 -0.12 -3.89 11.48
C ARG A 35 -1.54 -3.44 11.13
N GLN A 36 -2.30 -4.36 10.54
CA GLN A 36 -3.65 -4.06 10.10
C GLN A 36 -4.67 -4.53 11.14
N THR A 1 -18.42 8.62 -1.16
CA THR A 1 -18.56 7.48 -2.09
C THR A 1 -17.95 6.21 -1.49
N TRP A 2 -18.78 5.19 -1.31
CA TRP A 2 -18.31 3.91 -0.80
C TRP A 2 -17.91 3.01 -1.97
N SER A 3 -17.03 2.05 -1.70
CA SER A 3 -16.53 1.13 -2.72
C SER A 3 -17.66 0.37 -3.41
N GLY A 4 -18.02 0.81 -4.60
CA GLY A 4 -19.08 0.17 -5.36
C GLY A 4 -18.73 0.04 -6.83
N THR A 5 -18.55 1.17 -7.49
CA THR A 5 -18.21 1.17 -8.91
C THR A 5 -16.74 0.82 -9.10
N LYS A 6 -15.87 1.60 -8.48
CA LYS A 6 -14.43 1.35 -8.54
C LYS A 6 -13.98 0.59 -7.30
N LYS A 7 -14.81 -0.33 -6.85
CA LYS A 7 -14.53 -1.07 -5.62
C LYS A 7 -13.25 -1.91 -5.75
N ARG A 8 -12.85 -2.19 -6.98
CA ARG A 8 -11.59 -2.88 -7.23
C ARG A 8 -10.42 -1.97 -6.89
N ALA A 9 -10.41 -0.78 -7.50
CA ALA A 9 -9.35 0.19 -7.29
C ALA A 9 -9.34 0.68 -5.84
N GLN A 10 -10.54 0.89 -5.28
CA GLN A 10 -10.67 1.37 -3.90
C GLN A 10 -10.16 0.34 -2.91
N ARG A 11 -10.15 -0.92 -3.30
CA ARG A 11 -9.65 -1.98 -2.46
C ARG A 11 -8.15 -2.15 -2.64
N ILE A 12 -7.70 -2.10 -3.89
CA ILE A 12 -6.27 -2.20 -4.19
C ILE A 12 -5.54 -0.99 -3.64
N LEU A 13 -6.24 0.14 -3.60
CA LEU A 13 -5.71 1.38 -3.03
C LEU A 13 -5.24 1.15 -1.60
N ILE A 14 -5.98 0.33 -0.85
CA ILE A 14 -5.62 -0.01 0.52
C ILE A 14 -4.25 -0.67 0.54
N PHE A 15 -4.09 -1.68 -0.31
CA PHE A 15 -2.87 -2.46 -0.35
C PHE A 15 -1.71 -1.67 -0.92
N LEU A 16 -1.98 -0.85 -1.92
CA LEU A 16 -0.94 -0.02 -2.51
C LEU A 16 -0.50 1.03 -1.51
N LEU A 17 -1.42 1.46 -0.65
CA LEU A 17 -1.10 2.36 0.43
C LEU A 17 -0.17 1.66 1.43
N GLU A 18 -0.51 0.41 1.74
CA GLU A 18 0.32 -0.40 2.63
C GLU A 18 1.69 -0.63 2.04
N PHE A 19 1.76 -0.69 0.70
CA PHE A 19 3.02 -0.86 0.01
C PHE A 19 3.99 0.27 0.39
N LEU A 20 3.49 1.49 0.38
CA LEU A 20 4.29 2.64 0.73
C LEU A 20 4.72 2.60 2.20
N LEU A 21 3.87 2.02 3.05
CA LEU A 21 4.18 1.91 4.47
C LEU A 21 5.19 0.80 4.70
N ASP A 22 5.03 -0.28 3.95
CA ASP A 22 5.93 -1.44 4.05
C ASP A 22 7.29 -1.12 3.46
N PHE A 23 7.30 -0.46 2.31
CA PHE A 23 8.53 -0.08 1.64
C PHE A 23 9.27 0.96 2.47
N CYS A 24 8.54 1.96 2.92
CA CYS A 24 9.08 3.00 3.78
C CYS A 24 8.81 2.65 5.24
N THR A 25 9.08 1.41 5.58
CA THR A 25 8.78 0.89 6.91
C THR A 25 9.68 1.52 7.97
N GLY A 26 10.79 2.07 7.53
CA GLY A 26 11.70 2.73 8.43
C GLY A 26 13.00 1.99 8.60
N GLU A 27 14.10 2.63 8.27
CA GLU A 27 15.42 2.05 8.43
C GLU A 27 15.80 2.01 9.91
N ASP A 28 15.15 2.88 10.68
CA ASP A 28 15.34 2.93 12.13
C ASP A 28 14.60 1.79 12.80
N SER A 29 13.71 1.15 12.04
CA SER A 29 12.97 0.01 12.53
C SER A 29 13.67 -1.29 12.15
N VAL A 30 13.03 -2.42 12.41
CA VAL A 30 13.60 -3.71 12.07
C VAL A 30 12.51 -4.65 11.56
N ASP A 31 12.21 -4.52 10.28
CA ASP A 31 11.24 -5.41 9.63
C ASP A 31 11.68 -6.86 9.71
N GLY A 32 10.94 -7.65 10.47
CA GLY A 32 11.27 -9.05 10.63
C GLY A 32 10.25 -9.76 11.48
N LYS A 33 9.34 -10.48 10.82
CA LYS A 33 8.26 -11.21 11.48
C LYS A 33 7.37 -10.27 12.28
N LYS A 34 6.68 -9.39 11.56
CA LYS A 34 5.73 -8.49 12.19
C LYS A 34 4.41 -9.21 12.40
N ARG A 35 4.03 -10.00 11.41
CA ARG A 35 2.80 -10.77 11.48
C ARG A 35 3.09 -12.19 11.97
N GLN A 36 2.89 -12.42 13.25
CA GLN A 36 3.16 -13.70 13.86
C GLN A 36 1.87 -14.46 14.08
N THR A 1 -13.53 -3.82 -17.86
CA THR A 1 -13.57 -4.40 -16.51
C THR A 1 -15.02 -4.56 -16.06
N TRP A 2 -15.37 -5.76 -15.62
CA TRP A 2 -16.72 -6.06 -15.17
C TRP A 2 -16.76 -6.19 -13.66
N SER A 3 -17.79 -5.64 -13.04
CA SER A 3 -17.96 -5.69 -11.59
C SER A 3 -16.77 -5.02 -10.89
N GLY A 4 -16.29 -3.93 -11.48
CA GLY A 4 -15.15 -3.23 -10.91
C GLY A 4 -15.04 -1.81 -11.41
N THR A 5 -16.02 -0.98 -11.08
CA THR A 5 -16.00 0.42 -11.45
C THR A 5 -14.92 1.17 -10.67
N LYS A 6 -15.18 1.45 -9.41
CA LYS A 6 -14.22 2.10 -8.53
C LYS A 6 -13.95 1.24 -7.30
N LYS A 7 -14.77 0.20 -7.12
CA LYS A 7 -14.69 -0.67 -5.95
C LYS A 7 -13.39 -1.46 -5.93
N ARG A 8 -12.95 -1.90 -7.11
CA ARG A 8 -11.74 -2.70 -7.22
C ARG A 8 -10.52 -1.80 -7.03
N ALA A 9 -10.65 -0.55 -7.45
CA ALA A 9 -9.55 0.41 -7.31
C ALA A 9 -9.33 0.76 -5.85
N GLN A 10 -10.41 1.10 -5.15
CA GLN A 10 -10.31 1.50 -3.75
C GLN A 10 -9.86 0.34 -2.87
N ARG A 11 -10.22 -0.88 -3.25
CA ARG A 11 -9.81 -2.05 -2.47
C ARG A 11 -8.33 -2.33 -2.65
N ILE A 12 -7.79 -2.06 -3.83
CA ILE A 12 -6.38 -2.25 -4.09
C ILE A 12 -5.58 -1.08 -3.52
N LEU A 13 -6.21 0.08 -3.50
CA LEU A 13 -5.61 1.28 -2.89
C LEU A 13 -5.14 0.95 -1.48
N ILE A 14 -5.95 0.19 -0.75
CA ILE A 14 -5.61 -0.23 0.61
C ILE A 14 -4.27 -0.98 0.63
N PHE A 15 -4.13 -1.91 -0.29
CA PHE A 15 -2.93 -2.75 -0.35
C PHE A 15 -1.74 -1.98 -0.91
N LEU A 16 -1.99 -1.12 -1.87
CA LEU A 16 -0.94 -0.30 -2.44
C LEU A 16 -0.47 0.73 -1.41
N LEU A 17 -1.39 1.13 -0.53
CA LEU A 17 -1.05 1.99 0.59
C LEU A 17 -0.12 1.26 1.56
N GLU A 18 -0.48 0.02 1.86
CA GLU A 18 0.35 -0.86 2.69
C GLU A 18 1.76 -0.95 2.11
N PHE A 19 1.84 -0.94 0.77
CA PHE A 19 3.12 -0.94 0.08
C PHE A 19 3.93 0.29 0.44
N LEU A 20 3.30 1.46 0.34
CA LEU A 20 3.97 2.73 0.68
C LEU A 20 4.47 2.70 2.11
N LEU A 21 3.65 2.20 3.02
CA LEU A 21 4.03 2.12 4.42
C LEU A 21 5.21 1.18 4.60
N ASP A 22 5.15 0.03 3.94
CA ASP A 22 6.20 -0.98 4.04
C ASP A 22 7.49 -0.49 3.37
N PHE A 23 7.34 0.22 2.26
CA PHE A 23 8.48 0.78 1.55
C PHE A 23 9.11 1.90 2.37
N CYS A 24 8.28 2.67 3.05
CA CYS A 24 8.74 3.78 3.88
C CYS A 24 8.91 3.35 5.33
N THR A 25 9.36 2.12 5.53
CA THR A 25 9.66 1.62 6.87
C THR A 25 10.78 2.44 7.51
N GLY A 26 11.70 2.90 6.67
CA GLY A 26 12.73 3.81 7.11
C GLY A 26 12.63 5.13 6.38
N GLU A 27 12.87 6.23 7.08
CA GLU A 27 12.79 7.55 6.47
C GLU A 27 13.88 7.73 5.43
N ASP A 28 15.06 7.22 5.73
CA ASP A 28 16.15 7.18 4.75
C ASP A 28 16.59 5.75 4.55
N SER A 29 16.85 5.08 5.66
CA SER A 29 17.25 3.68 5.65
C SER A 29 16.72 3.00 6.90
N VAL A 30 16.63 1.68 6.87
CA VAL A 30 16.24 0.91 8.04
C VAL A 30 17.52 0.46 8.74
N ASP A 31 18.20 1.45 9.30
CA ASP A 31 19.49 1.27 10.00
C ASP A 31 20.64 1.15 9.00
N GLY A 32 20.32 0.63 7.81
CA GLY A 32 21.32 0.48 6.78
C GLY A 32 21.83 -0.94 6.72
N LYS A 33 22.24 -1.45 7.88
CA LYS A 33 22.76 -2.82 8.02
C LYS A 33 24.03 -3.01 7.18
N LYS A 34 24.65 -1.91 6.82
CA LYS A 34 25.85 -1.94 6.00
C LYS A 34 26.97 -1.19 6.70
N ARG A 35 26.69 0.06 7.05
CA ARG A 35 27.65 0.90 7.75
C ARG A 35 26.95 2.09 8.37
N GLN A 36 27.72 2.91 9.05
CA GLN A 36 27.21 4.18 9.57
C GLN A 36 27.94 5.32 8.87
N THR A 1 -19.82 -10.23 -5.38
CA THR A 1 -20.32 -9.10 -6.19
C THR A 1 -19.82 -9.23 -7.63
N TRP A 2 -20.58 -8.68 -8.56
CA TRP A 2 -20.21 -8.72 -9.97
C TRP A 2 -19.79 -7.33 -10.45
N SER A 3 -20.39 -6.31 -9.86
CA SER A 3 -20.13 -4.94 -10.26
C SER A 3 -19.34 -4.21 -9.16
N GLY A 4 -18.27 -4.85 -8.70
CA GLY A 4 -17.44 -4.26 -7.69
C GLY A 4 -16.22 -3.56 -8.28
N THR A 5 -16.45 -2.84 -9.37
CA THR A 5 -15.38 -2.14 -10.07
C THR A 5 -14.70 -1.13 -9.16
N LYS A 6 -15.52 -0.29 -8.54
CA LYS A 6 -15.02 0.74 -7.64
C LYS A 6 -14.50 0.11 -6.36
N LYS A 7 -15.21 -0.92 -5.90
CA LYS A 7 -14.82 -1.63 -4.68
C LYS A 7 -13.43 -2.22 -4.82
N ARG A 8 -13.16 -2.85 -5.95
CA ARG A 8 -11.84 -3.40 -6.24
C ARG A 8 -10.81 -2.27 -6.35
N ALA A 9 -11.16 -1.23 -7.09
CA ALA A 9 -10.25 -0.11 -7.31
C ALA A 9 -9.79 0.49 -5.99
N GLN A 10 -10.70 0.63 -5.05
CA GLN A 10 -10.37 1.22 -3.75
C GLN A 10 -9.56 0.26 -2.90
N ARG A 11 -9.79 -1.04 -3.04
CA ARG A 11 -9.03 -2.02 -2.27
C ARG A 11 -7.60 -2.10 -2.81
N ILE A 12 -7.45 -1.85 -4.10
CA ILE A 12 -6.12 -1.80 -4.72
C ILE A 12 -5.36 -0.60 -4.17
N LEU A 13 -6.09 0.50 -3.99
CA LEU A 13 -5.53 1.71 -3.40
C LEU A 13 -5.04 1.42 -1.99
N ILE A 14 -5.80 0.62 -1.25
CA ILE A 14 -5.39 0.19 0.08
C ILE A 14 -4.08 -0.58 -0.01
N PHE A 15 -4.04 -1.54 -0.93
CA PHE A 15 -2.86 -2.39 -1.11
C PHE A 15 -1.65 -1.54 -1.50
N LEU A 16 -1.85 -0.64 -2.46
CA LEU A 16 -0.77 0.19 -2.97
C LEU A 16 -0.26 1.13 -1.87
N LEU A 17 -1.16 1.55 -0.99
CA LEU A 17 -0.80 2.40 0.14
C LEU A 17 -0.01 1.60 1.16
N GLU A 18 -0.58 0.48 1.60
CA GLU A 18 0.06 -0.41 2.56
C GLU A 18 1.47 -0.79 2.11
N PHE A 19 1.61 -1.03 0.81
CA PHE A 19 2.90 -1.39 0.22
C PHE A 19 3.95 -0.34 0.56
N LEU A 20 3.62 0.93 0.36
CA LEU A 20 4.56 2.00 0.59
C LEU A 20 4.79 2.24 2.08
N LEU A 21 3.75 2.10 2.88
CA LEU A 21 3.87 2.27 4.33
C LEU A 21 4.81 1.22 4.89
N ASP A 22 4.64 -0.01 4.42
CA ASP A 22 5.51 -1.11 4.80
C ASP A 22 6.91 -0.93 4.24
N PHE A 23 6.98 -0.38 3.03
CA PHE A 23 8.26 -0.13 2.35
C PHE A 23 9.05 0.96 3.07
N CYS A 24 8.34 1.98 3.56
CA CYS A 24 8.98 3.12 4.20
C CYS A 24 9.12 2.91 5.70
N THR A 25 9.49 1.70 6.08
CA THR A 25 9.72 1.39 7.48
C THR A 25 11.15 1.74 7.88
N GLY A 26 12.09 1.43 6.99
CA GLY A 26 13.47 1.75 7.23
C GLY A 26 14.02 2.67 6.17
N GLU A 27 15.09 3.39 6.50
CA GLU A 27 15.74 4.28 5.55
C GLU A 27 16.38 3.48 4.42
N ASP A 28 16.81 2.27 4.74
CA ASP A 28 17.42 1.38 3.75
C ASP A 28 16.95 -0.04 3.99
N SER A 29 15.65 -0.26 3.84
CA SER A 29 15.08 -1.59 3.92
C SER A 29 15.50 -2.39 2.68
N VAL A 30 15.50 -3.71 2.79
CA VAL A 30 15.89 -4.57 1.68
C VAL A 30 14.69 -5.37 1.20
N ASP A 31 13.66 -4.66 0.79
CA ASP A 31 12.45 -5.29 0.29
C ASP A 31 12.47 -5.36 -1.23
N GLY A 32 13.01 -6.45 -1.76
CA GLY A 32 13.15 -6.58 -3.20
C GLY A 32 12.03 -7.41 -3.81
N LYS A 33 10.80 -6.92 -3.70
CA LYS A 33 9.65 -7.64 -4.23
C LYS A 33 9.31 -7.20 -5.66
N LYS A 34 9.85 -6.06 -6.07
CA LYS A 34 9.57 -5.53 -7.39
C LYS A 34 10.76 -5.74 -8.32
N ARG A 35 10.47 -5.94 -9.59
CA ARG A 35 11.49 -6.17 -10.61
C ARG A 35 12.35 -7.39 -10.26
N GLN A 36 11.78 -8.58 -10.44
CA GLN A 36 12.47 -9.82 -10.14
C GLN A 36 13.01 -10.45 -11.43
N THR A 1 -16.92 -9.00 -10.97
CA THR A 1 -16.87 -7.58 -10.54
C THR A 1 -17.39 -6.67 -11.65
N TRP A 2 -18.66 -6.31 -11.57
CA TRP A 2 -19.27 -5.49 -12.62
C TRP A 2 -19.80 -4.20 -12.03
N SER A 3 -20.52 -4.30 -10.92
CA SER A 3 -21.10 -3.14 -10.27
C SER A 3 -20.05 -2.40 -9.45
N GLY A 4 -19.32 -3.13 -8.62
CA GLY A 4 -18.34 -2.51 -7.75
C GLY A 4 -16.99 -2.38 -8.39
N THR A 5 -16.95 -1.80 -9.57
CA THR A 5 -15.70 -1.63 -10.31
C THR A 5 -14.77 -0.64 -9.61
N LYS A 6 -15.32 0.52 -9.24
CA LYS A 6 -14.55 1.52 -8.53
C LYS A 6 -14.24 1.05 -7.12
N LYS A 7 -15.15 0.27 -6.57
CA LYS A 7 -14.96 -0.31 -5.24
C LYS A 7 -13.78 -1.27 -5.25
N ARG A 8 -13.62 -1.97 -6.36
CA ARG A 8 -12.50 -2.88 -6.54
C ARG A 8 -11.22 -2.07 -6.76
N ALA A 9 -11.35 -0.95 -7.43
CA ALA A 9 -10.21 -0.09 -7.73
C ALA A 9 -9.66 0.56 -6.46
N GLN A 10 -10.56 1.03 -5.60
CA GLN A 10 -10.18 1.70 -4.37
C GLN A 10 -9.62 0.73 -3.35
N ARG A 11 -10.04 -0.53 -3.42
CA ARG A 11 -9.55 -1.53 -2.49
C ARG A 11 -8.13 -1.95 -2.85
N ILE A 12 -7.74 -1.70 -4.10
CA ILE A 12 -6.36 -1.93 -4.52
C ILE A 12 -5.44 -0.91 -3.87
N LEU A 13 -5.99 0.28 -3.66
CA LEU A 13 -5.27 1.35 -2.99
C LEU A 13 -4.84 0.90 -1.59
N ILE A 14 -5.69 0.10 -0.96
CA ILE A 14 -5.38 -0.47 0.35
C ILE A 14 -4.08 -1.27 0.30
N PHE A 15 -3.96 -2.13 -0.70
CA PHE A 15 -2.80 -2.98 -0.83
C PHE A 15 -1.56 -2.17 -1.20
N LEU A 16 -1.73 -1.16 -2.04
CA LEU A 16 -0.62 -0.32 -2.46
C LEU A 16 -0.19 0.56 -1.28
N LEU A 17 -1.15 0.96 -0.46
CA LEU A 17 -0.88 1.74 0.74
C LEU A 17 -0.03 0.93 1.72
N GLU A 18 -0.51 -0.26 2.03
CA GLU A 18 0.21 -1.17 2.93
C GLU A 18 1.62 -1.45 2.39
N PHE A 19 1.75 -1.47 1.07
CA PHE A 19 3.04 -1.67 0.44
C PHE A 19 3.95 -0.46 0.70
N LEU A 20 3.45 0.72 0.37
CA LEU A 20 4.23 1.96 0.52
C LEU A 20 4.70 2.16 1.96
N LEU A 21 3.78 2.06 2.92
CA LEU A 21 4.11 2.35 4.31
C LEU A 21 5.06 1.32 4.90
N ASP A 22 5.19 0.17 4.24
CA ASP A 22 6.09 -0.88 4.70
C ASP A 22 7.41 -0.83 3.93
N PHE A 23 7.31 -0.68 2.62
CA PHE A 23 8.48 -0.65 1.76
C PHE A 23 9.32 0.59 2.02
N CYS A 24 8.66 1.70 2.31
CA CYS A 24 9.36 2.97 2.48
C CYS A 24 9.73 3.22 3.94
N THR A 25 9.73 2.17 4.75
CA THR A 25 10.18 2.28 6.13
C THR A 25 11.66 2.59 6.16
N GLY A 26 12.39 1.98 5.24
CA GLY A 26 13.79 2.28 5.07
C GLY A 26 14.00 3.58 4.35
N GLU A 27 13.74 4.69 5.05
CA GLU A 27 13.83 6.03 4.48
C GLU A 27 15.27 6.40 4.17
N ASP A 28 16.19 5.54 4.57
CA ASP A 28 17.58 5.64 4.15
C ASP A 28 17.67 5.46 2.64
N SER A 29 16.73 4.70 2.10
CA SER A 29 16.65 4.46 0.66
C SER A 29 15.26 4.85 0.17
N VAL A 30 14.89 4.34 -1.02
CA VAL A 30 13.56 4.53 -1.58
C VAL A 30 13.34 5.99 -1.97
N ASP A 31 13.53 6.29 -3.25
CA ASP A 31 13.31 7.63 -3.80
C ASP A 31 11.82 7.88 -4.04
N GLY A 32 10.99 7.02 -3.48
CA GLY A 32 9.56 7.18 -3.59
C GLY A 32 9.06 8.33 -2.74
N LYS A 33 9.88 8.72 -1.75
CA LYS A 33 9.60 9.84 -0.88
C LYS A 33 8.48 9.50 0.10
N LYS A 34 8.89 9.12 1.30
CA LYS A 34 7.96 8.81 2.38
C LYS A 34 6.96 9.93 2.60
N ARG A 35 7.42 11.17 2.47
CA ARG A 35 6.55 12.33 2.65
C ARG A 35 5.90 12.71 1.32
N GLN A 36 4.69 12.22 1.11
CA GLN A 36 3.91 12.56 -0.07
C GLN A 36 2.74 13.45 0.31
N THR A 1 -19.37 0.05 0.97
CA THR A 1 -20.61 0.83 1.16
C THR A 1 -20.66 1.98 0.16
N TRP A 2 -21.84 2.20 -0.42
CA TRP A 2 -22.05 3.29 -1.39
C TRP A 2 -21.11 3.13 -2.59
N SER A 3 -20.71 1.90 -2.86
CA SER A 3 -19.78 1.61 -3.93
C SER A 3 -19.89 0.15 -4.34
N GLY A 4 -20.61 -0.11 -5.42
CA GLY A 4 -20.86 -1.48 -5.82
C GLY A 4 -20.14 -1.86 -7.10
N THR A 5 -19.64 -0.87 -7.83
CA THR A 5 -18.96 -1.13 -9.09
C THR A 5 -17.45 -0.96 -8.94
N LYS A 6 -17.02 0.26 -8.67
CA LYS A 6 -15.59 0.58 -8.64
C LYS A 6 -14.98 0.24 -7.29
N LYS A 7 -15.69 -0.54 -6.50
CA LYS A 7 -15.23 -0.91 -5.16
C LYS A 7 -14.07 -1.89 -5.23
N ARG A 8 -13.70 -2.31 -6.43
CA ARG A 8 -12.56 -3.18 -6.62
C ARG A 8 -11.28 -2.35 -6.79
N ALA A 9 -11.44 -1.12 -7.22
CA ALA A 9 -10.31 -0.23 -7.42
C ALA A 9 -9.80 0.32 -6.09
N GLN A 10 -10.75 0.62 -5.19
CA GLN A 10 -10.40 1.17 -3.88
C GLN A 10 -9.56 0.19 -3.07
N ARG A 11 -9.79 -1.11 -3.30
CA ARG A 11 -9.07 -2.15 -2.57
C ARG A 11 -7.63 -2.22 -3.03
N ILE A 12 -7.39 -1.80 -4.27
CA ILE A 12 -6.04 -1.75 -4.80
C ILE A 12 -5.24 -0.68 -4.07
N LEU A 13 -5.89 0.45 -3.82
CA LEU A 13 -5.28 1.54 -3.07
C LEU A 13 -4.91 1.09 -1.67
N ILE A 14 -5.70 0.17 -1.12
CA ILE A 14 -5.39 -0.42 0.17
C ILE A 14 -4.06 -1.15 0.11
N PHE A 15 -3.91 -1.98 -0.92
CA PHE A 15 -2.67 -2.74 -1.13
C PHE A 15 -1.51 -1.78 -1.32
N LEU A 16 -1.73 -0.76 -2.14
CA LEU A 16 -0.71 0.26 -2.41
C LEU A 16 -0.30 0.93 -1.12
N LEU A 17 -1.28 1.40 -0.36
CA LEU A 17 -1.01 2.10 0.89
C LEU A 17 -0.18 1.23 1.83
N GLU A 18 -0.64 0.01 2.08
CA GLU A 18 0.07 -0.91 2.95
C GLU A 18 1.51 -1.13 2.49
N PHE A 19 1.69 -1.27 1.17
CA PHE A 19 3.01 -1.46 0.60
C PHE A 19 3.85 -0.20 0.75
N LEU A 20 3.23 0.95 0.47
CA LEU A 20 3.91 2.24 0.58
C LEU A 20 4.39 2.48 2.01
N LEU A 21 3.56 2.13 3.00
CA LEU A 21 3.95 2.28 4.40
C LEU A 21 5.15 1.41 4.71
N ASP A 22 5.14 0.21 4.17
CA ASP A 22 6.22 -0.75 4.38
C ASP A 22 7.51 -0.27 3.72
N PHE A 23 7.40 0.19 2.49
CA PHE A 23 8.56 0.63 1.71
C PHE A 23 9.06 1.99 2.21
N CYS A 24 8.16 2.79 2.74
CA CYS A 24 8.46 4.16 3.17
C CYS A 24 9.49 4.18 4.30
N THR A 25 9.50 3.14 5.12
CA THR A 25 10.41 3.10 6.27
C THR A 25 11.86 3.03 5.80
N GLY A 26 12.06 2.55 4.58
CA GLY A 26 13.39 2.51 4.01
C GLY A 26 14.15 1.27 4.38
N GLU A 27 15.32 1.10 3.79
CA GLU A 27 16.20 -0.01 4.11
C GLU A 27 17.14 0.43 5.22
N ASP A 28 17.91 1.47 4.96
CA ASP A 28 18.74 2.10 5.98
C ASP A 28 17.87 2.95 6.88
N SER A 29 16.71 3.31 6.35
CA SER A 29 15.71 4.10 7.05
C SER A 29 16.24 5.52 7.31
N VAL A 30 15.65 6.20 8.27
CA VAL A 30 16.05 7.56 8.61
C VAL A 30 17.14 7.55 9.67
N ASP A 31 17.55 6.35 10.05
CA ASP A 31 18.59 6.19 11.06
C ASP A 31 19.95 6.02 10.39
N GLY A 32 20.07 4.95 9.59
CA GLY A 32 21.25 4.74 8.77
C GLY A 32 22.47 4.33 9.57
N LYS A 33 22.30 4.09 10.87
CA LYS A 33 23.42 3.76 11.72
C LYS A 33 23.39 2.29 12.12
N LYS A 34 22.67 1.50 11.33
CA LYS A 34 22.59 0.06 11.56
C LYS A 34 23.96 -0.58 11.40
N ARG A 35 24.51 -1.09 12.49
CA ARG A 35 25.84 -1.70 12.53
C ARG A 35 26.91 -0.69 12.13
N GLN A 36 26.63 0.58 12.42
CA GLN A 36 27.55 1.66 12.12
C GLN A 36 28.10 2.25 13.41
N THR A 1 -17.63 -8.55 -3.11
CA THR A 1 -18.83 -9.40 -3.08
C THR A 1 -19.91 -8.81 -2.16
N TRP A 2 -19.48 -8.03 -1.16
CA TRP A 2 -20.41 -7.39 -0.24
C TRP A 2 -20.26 -5.88 -0.32
N SER A 3 -20.98 -5.27 -1.26
CA SER A 3 -20.92 -3.84 -1.50
C SER A 3 -19.50 -3.42 -1.90
N GLY A 4 -18.88 -4.20 -2.77
CA GLY A 4 -17.50 -3.96 -3.13
C GLY A 4 -17.30 -3.67 -4.61
N THR A 5 -18.36 -3.25 -5.28
CA THR A 5 -18.28 -2.91 -6.69
C THR A 5 -17.41 -1.67 -6.91
N LYS A 6 -17.74 -0.61 -6.20
CA LYS A 6 -16.96 0.63 -6.27
C LYS A 6 -15.71 0.54 -5.41
N LYS A 7 -15.53 -0.63 -4.80
CA LYS A 7 -14.40 -0.84 -3.92
C LYS A 7 -13.34 -1.71 -4.59
N ARG A 8 -13.49 -1.92 -5.90
CA ARG A 8 -12.54 -2.71 -6.65
C ARG A 8 -11.25 -1.90 -6.82
N ALA A 9 -11.40 -0.63 -7.13
CA ALA A 9 -10.25 0.26 -7.23
C ALA A 9 -9.70 0.58 -5.85
N GLN A 10 -10.60 0.77 -4.90
CA GLN A 10 -10.23 1.10 -3.53
C GLN A 10 -9.45 -0.04 -2.89
N ARG A 11 -9.81 -1.29 -3.21
CA ARG A 11 -9.14 -2.44 -2.63
C ARG A 11 -7.69 -2.48 -3.07
N ILE A 12 -7.44 -2.06 -4.31
CA ILE A 12 -6.09 -1.99 -4.84
C ILE A 12 -5.32 -0.89 -4.13
N LEU A 13 -6.00 0.24 -3.94
CA LEU A 13 -5.44 1.37 -3.21
C LEU A 13 -4.94 0.93 -1.83
N ILE A 14 -5.74 0.13 -1.14
CA ILE A 14 -5.37 -0.39 0.17
C ILE A 14 -4.06 -1.17 0.10
N PHE A 15 -3.95 -2.02 -0.91
CA PHE A 15 -2.79 -2.88 -1.08
C PHE A 15 -1.55 -2.07 -1.45
N LEU A 16 -1.76 -1.04 -2.25
CA LEU A 16 -0.67 -0.13 -2.61
C LEU A 16 -0.21 0.65 -1.39
N LEU A 17 -1.18 1.25 -0.72
CA LEU A 17 -0.91 2.10 0.44
C LEU A 17 -0.17 1.31 1.53
N GLU A 18 -0.66 0.11 1.83
CA GLU A 18 -0.07 -0.73 2.88
C GLU A 18 1.38 -1.07 2.54
N PHE A 19 1.64 -1.22 1.25
CA PHE A 19 2.97 -1.55 0.76
C PHE A 19 3.89 -0.33 0.84
N LEU A 20 3.38 0.80 0.38
CA LEU A 20 4.17 2.03 0.34
C LEU A 20 4.63 2.45 1.74
N LEU A 21 3.75 2.34 2.73
CA LEU A 21 4.10 2.70 4.09
C LEU A 21 5.09 1.69 4.68
N ASP A 22 4.98 0.45 4.24
CA ASP A 22 5.89 -0.61 4.67
C ASP A 22 7.25 -0.43 4.01
N PHE A 23 7.22 0.02 2.76
CA PHE A 23 8.44 0.34 2.02
C PHE A 23 9.17 1.48 2.71
N CYS A 24 8.40 2.43 3.24
CA CYS A 24 8.96 3.57 3.96
C CYS A 24 9.54 3.14 5.31
N THR A 25 8.69 2.71 6.21
CA THR A 25 9.12 2.31 7.54
C THR A 25 9.19 0.80 7.67
N GLY A 26 8.05 0.14 7.50
CA GLY A 26 8.00 -1.30 7.57
C GLY A 26 7.17 -1.80 8.73
N GLU A 27 6.25 -2.70 8.45
CA GLU A 27 5.41 -3.30 9.48
C GLU A 27 5.76 -4.77 9.63
N ASP A 28 5.86 -5.47 8.51
CA ASP A 28 6.21 -6.89 8.52
C ASP A 28 7.27 -7.16 7.44
N SER A 29 7.68 -6.09 6.76
CA SER A 29 8.65 -6.16 5.67
C SER A 29 8.05 -6.85 4.44
N VAL A 30 8.83 -6.93 3.37
CA VAL A 30 8.39 -7.59 2.15
C VAL A 30 9.15 -8.89 1.96
N ASP A 31 9.46 -9.54 3.08
CA ASP A 31 10.22 -10.79 3.07
C ASP A 31 9.31 -11.96 2.71
N GLY A 32 8.00 -11.68 2.67
CA GLY A 32 7.03 -12.68 2.26
C GLY A 32 7.11 -12.98 0.77
N LYS A 33 7.99 -12.25 0.08
CA LYS A 33 8.30 -12.50 -1.31
C LYS A 33 7.12 -12.18 -2.23
N LYS A 34 6.32 -11.20 -1.83
CA LYS A 34 5.28 -10.67 -2.70
C LYS A 34 5.78 -9.41 -3.37
N ARG A 35 6.97 -9.49 -3.95
CA ARG A 35 7.60 -8.35 -4.59
C ARG A 35 7.18 -8.27 -6.05
N GLN A 36 6.87 -9.41 -6.63
CA GLN A 36 6.43 -9.47 -8.01
C GLN A 36 4.95 -9.82 -8.07
N THR A 1 -13.25 -8.05 -13.92
CA THR A 1 -14.70 -8.06 -13.65
C THR A 1 -15.32 -6.70 -13.97
N TRP A 2 -16.65 -6.63 -13.96
CA TRP A 2 -17.34 -5.39 -14.30
C TRP A 2 -18.62 -5.24 -13.47
N SER A 3 -18.47 -5.29 -12.15
CA SER A 3 -19.61 -5.13 -11.25
C SER A 3 -19.17 -4.44 -9.97
N GLY A 4 -18.05 -3.74 -10.04
CA GLY A 4 -17.54 -3.01 -8.90
C GLY A 4 -16.25 -2.30 -9.24
N THR A 5 -16.31 -1.49 -10.28
CA THR A 5 -15.13 -0.82 -10.82
C THR A 5 -14.43 0.05 -9.77
N LYS A 6 -15.20 0.94 -9.14
CA LYS A 6 -14.66 1.82 -8.11
C LYS A 6 -14.20 1.01 -6.90
N LYS A 7 -15.05 0.09 -6.47
CA LYS A 7 -14.79 -0.71 -5.27
C LYS A 7 -13.50 -1.51 -5.43
N ARG A 8 -13.35 -2.16 -6.57
CA ARG A 8 -12.16 -2.95 -6.85
C ARG A 8 -10.93 -2.06 -6.87
N ALA A 9 -11.05 -0.90 -7.50
CA ALA A 9 -9.96 0.05 -7.59
C ALA A 9 -9.59 0.57 -6.21
N GLN A 10 -10.60 0.92 -5.43
CA GLN A 10 -10.41 1.43 -4.08
C GLN A 10 -9.72 0.42 -3.18
N ARG A 11 -10.07 -0.86 -3.34
CA ARG A 11 -9.48 -1.89 -2.51
C ARG A 11 -8.01 -2.08 -2.85
N ILE A 12 -7.66 -1.88 -4.12
CA ILE A 12 -6.27 -1.98 -4.56
C ILE A 12 -5.44 -0.89 -3.89
N LEU A 13 -6.04 0.29 -3.74
CA LEU A 13 -5.37 1.41 -3.08
C LEU A 13 -4.99 1.03 -1.66
N ILE A 14 -5.84 0.24 -1.00
CA ILE A 14 -5.58 -0.24 0.35
C ILE A 14 -4.25 -1.00 0.40
N PHE A 15 -4.09 -1.94 -0.52
CA PHE A 15 -2.91 -2.79 -0.56
C PHE A 15 -1.67 -2.02 -1.00
N LEU A 16 -1.83 -1.14 -1.98
CA LEU A 16 -0.72 -0.35 -2.48
C LEU A 16 -0.27 0.63 -1.38
N LEU A 17 -1.21 1.04 -0.54
CA LEU A 17 -0.90 1.89 0.58
C LEU A 17 -0.13 1.09 1.63
N GLU A 18 -0.56 -0.14 1.85
CA GLU A 18 0.17 -1.07 2.74
C GLU A 18 1.61 -1.18 2.30
N PHE A 19 1.80 -1.24 0.98
CA PHE A 19 3.13 -1.29 0.39
C PHE A 19 3.90 -0.02 0.71
N LEU A 20 3.25 1.13 0.55
CA LEU A 20 3.88 2.43 0.81
C LEU A 20 4.33 2.55 2.26
N LEU A 21 3.59 1.92 3.17
CA LEU A 21 3.97 1.92 4.58
C LEU A 21 5.27 1.16 4.77
N ASP A 22 5.32 -0.04 4.22
CA ASP A 22 6.52 -0.86 4.28
C ASP A 22 7.66 -0.17 3.53
N PHE A 23 7.30 0.43 2.41
CA PHE A 23 8.25 1.13 1.54
C PHE A 23 9.05 2.19 2.31
N CYS A 24 8.49 2.64 3.42
CA CYS A 24 9.13 3.67 4.24
C CYS A 24 10.43 3.18 4.88
N THR A 25 10.56 1.88 5.07
CA THR A 25 11.78 1.34 5.69
C THR A 25 11.94 -0.15 5.40
N GLY A 26 10.86 -0.91 5.52
CA GLY A 26 10.89 -2.32 5.22
C GLY A 26 11.18 -3.15 6.44
N GLU A 27 10.98 -4.46 6.33
CA GLU A 27 11.34 -5.39 7.38
C GLU A 27 12.85 -5.36 7.58
N ASP A 28 13.55 -5.22 6.45
CA ASP A 28 14.99 -4.96 6.47
C ASP A 28 15.29 -3.76 5.59
N SER A 29 14.98 -3.91 4.31
CA SER A 29 15.22 -2.86 3.33
C SER A 29 14.27 -3.04 2.15
N VAL A 30 13.92 -1.95 1.49
CA VAL A 30 12.99 -2.01 0.36
C VAL A 30 13.71 -1.63 -0.94
N ASP A 31 15.03 -1.60 -0.86
CA ASP A 31 15.85 -1.27 -2.02
C ASP A 31 16.18 -2.53 -2.80
N GLY A 32 15.80 -3.66 -2.26
CA GLY A 32 16.11 -4.93 -2.87
C GLY A 32 16.98 -5.80 -1.99
N LYS A 33 17.40 -5.25 -0.85
CA LYS A 33 18.20 -6.01 0.09
C LYS A 33 17.33 -6.67 1.14
N LYS A 34 16.06 -6.90 0.81
CA LYS A 34 15.16 -7.60 1.71
C LYS A 34 15.44 -9.09 1.65
N ARG A 35 15.69 -9.69 2.80
CA ARG A 35 16.13 -11.06 2.88
C ARG A 35 14.94 -12.01 3.09
N GLN A 36 13.85 -11.45 3.59
CA GLN A 36 12.64 -12.21 3.83
C GLN A 36 11.68 -12.07 2.66
#